data_3HMW
#
_entry.id   3HMW
#
_cell.length_a   139.310
_cell.length_b   139.310
_cell.length_c   114.580
_cell.angle_alpha   90.000
_cell.angle_beta   90.000
_cell.angle_gamma   120.000
#
_symmetry.space_group_name_H-M   'P 63 2 2'
#
loop_
_entity.id
_entity.type
_entity.pdbx_description
1 polymer 'USTEKINUMAB FAB LIGHT CHAIN'
2 polymer 'USTEKINUMAB FAB HEAVY CHAIN'
3 non-polymer 'CADMIUM ION'
4 water water
#
loop_
_entity_poly.entity_id
_entity_poly.type
_entity_poly.pdbx_seq_one_letter_code
_entity_poly.pdbx_strand_id
1 'polypeptide(L)'
;DIQMTQSPSSLSASVGDRVTITCRASQGISSWLAWYQQKPEKAPKSLIYAASSLQSGVPSRFSGSGSGTDFTLTISSLQP
EDFATYYCQQYNIYPYTFGQGTKLEIKRTVAAPSVFIFPPSDEQLKSGTASVVCLLNNFYPREAKVQWKVDNALQSGNSQ
ESVTEQDSKDSTYSLSSTLTLSKADYEKHKVYACEVTHQGLSSPVTKSFNRGEC
;
L
2 'polypeptide(L)'
;EVQLVQSGAEVKKPGESLKISCKGSGYSFTTYWLGWVRQMPGKGLDWIGIMSPVDSDIRYSPSFQGQVTMSVDKSITTAY
LQWNSLKASDTAMYYCARRRPGQGYFDFWGQGTLVTVSSSSTKGPSVFPLAPSSKSTSGGTAALGCLVKDYFPEPVTVSW
NSGALTSGVHTFPAVLQSSGLYSLSSVVTVPSSSLGTQTYICNVNHKPSNTKVDKRVEPKSCDKTH
;
H
#
# COMPACT_ATOMS: atom_id res chain seq x y z
N ASP A 1 -6.64 2.08 29.89
CA ASP A 1 -6.25 3.10 28.92
C ASP A 1 -7.47 3.76 28.29
N ILE A 2 -7.29 4.94 27.71
CA ILE A 2 -8.41 5.69 27.15
C ILE A 2 -8.73 5.24 25.73
N GLN A 3 -9.99 4.87 25.51
CA GLN A 3 -10.42 4.40 24.20
C GLN A 3 -10.86 5.56 23.29
N MET A 4 -10.23 5.64 22.13
CA MET A 4 -10.58 6.63 21.14
C MET A 4 -11.46 6.00 20.05
N THR A 5 -12.66 6.54 19.85
CA THR A 5 -13.56 6.00 18.85
C THR A 5 -13.94 7.04 17.79
N GLN A 6 -13.37 6.89 16.60
CA GLN A 6 -13.66 7.78 15.48
C GLN A 6 -14.92 7.32 14.77
N SER A 7 -15.48 8.21 13.94
CA SER A 7 -16.67 7.92 13.16
C SER A 7 -16.87 8.98 12.09
N PRO A 8 -17.33 8.57 10.90
CA PRO A 8 -17.66 7.19 10.54
C PRO A 8 -16.41 6.32 10.41
N SER A 9 -16.60 5.04 10.14
CA SER A 9 -15.46 4.16 9.85
C SER A 9 -14.93 4.46 8.46
N SER A 10 -15.79 5.02 7.62
CA SER A 10 -15.40 5.44 6.28
C SER A 10 -16.47 6.35 5.68
N LEU A 11 -16.05 7.26 4.81
CA LEU A 11 -16.98 8.15 4.14
C LEU A 11 -16.49 8.55 2.75
N SER A 12 -17.42 8.85 1.86
CA SER A 12 -17.08 9.29 0.51
C SER A 12 -17.57 10.71 0.28
N ALA A 13 -16.72 11.53 -0.33
CA ALA A 13 -17.05 12.93 -0.58
C ALA A 13 -16.48 13.45 -1.91
N SER A 14 -17.27 14.26 -2.60
CA SER A 14 -16.82 14.87 -3.85
C SER A 14 -15.79 15.95 -3.59
N VAL A 15 -14.94 16.20 -4.59
CA VAL A 15 -13.93 17.25 -4.50
C VAL A 15 -14.63 18.60 -4.33
N GLY A 16 -14.09 19.44 -3.45
CA GLY A 16 -14.63 20.76 -3.22
C GLY A 16 -15.65 20.80 -2.10
N ASP A 17 -15.97 19.64 -1.55
CA ASP A 17 -16.89 19.57 -0.41
C ASP A 17 -16.13 19.83 0.88
N ARG A 18 -16.86 20.11 1.95
CA ARG A 18 -16.26 20.12 3.27
C ARG A 18 -16.55 18.77 3.90
N VAL A 19 -15.55 18.18 4.55
CA VAL A 19 -15.71 16.89 5.20
C VAL A 19 -15.43 17.00 6.69
N THR A 20 -16.10 16.17 7.49
CA THR A 20 -15.96 16.25 8.93
C THR A 20 -15.91 14.87 9.60
N ILE A 21 -14.75 14.54 10.15
CA ILE A 21 -14.58 13.32 10.92
C ILE A 21 -14.68 13.64 12.41
N THR A 22 -15.30 12.76 13.18
CA THR A 22 -15.37 12.97 14.62
C THR A 22 -14.58 11.93 15.41
N CYS A 23 -14.24 12.29 16.64
CA CYS A 23 -13.39 11.47 17.49
C CYS A 23 -13.77 11.69 18.95
N ARG A 24 -14.16 10.62 19.63
CA ARG A 24 -14.61 10.75 21.01
C ARG A 24 -13.81 9.87 21.97
N ALA A 25 -13.49 10.43 23.13
CA ALA A 25 -12.67 9.74 24.12
C ALA A 25 -13.51 9.19 25.27
N SER A 26 -13.21 7.97 25.68
CA SER A 26 -13.95 7.30 26.75
C SER A 26 -13.79 8.06 28.06
N GLN A 27 -12.71 8.82 28.19
CA GLN A 27 -12.48 9.64 29.37
C GLN A 27 -12.06 11.05 28.92
N GLY A 28 -12.19 12.01 29.81
CA GLY A 28 -11.77 13.37 29.51
C GLY A 28 -10.29 13.43 29.17
N ILE A 29 -9.96 14.10 28.07
CA ILE A 29 -8.57 14.20 27.62
C ILE A 29 -8.15 15.65 27.41
N SER A 30 -8.97 16.58 27.87
CA SER A 30 -8.68 18.01 27.76
C SER A 30 -8.64 18.47 26.30
N SER A 31 -7.45 18.88 25.86
CA SER A 31 -7.24 19.24 24.46
C SER A 31 -6.04 18.50 23.90
N TRP A 32 -5.56 17.51 24.65
CA TRP A 32 -4.40 16.72 24.24
C TRP A 32 -4.76 15.67 23.20
N LEU A 33 -5.21 16.12 22.04
CA LEU A 33 -5.55 15.25 20.92
C LEU A 33 -4.80 15.64 19.66
N ALA A 34 -4.39 14.66 18.87
CA ALA A 34 -3.72 14.92 17.60
C ALA A 34 -4.42 14.19 16.46
N TRP A 35 -4.28 14.71 15.26
CA TRP A 35 -4.80 14.06 14.07
C TRP A 35 -3.67 13.71 13.10
N TYR A 36 -3.69 12.49 12.56
CA TYR A 36 -2.70 12.07 11.59
C TYR A 36 -3.34 11.73 10.26
N GLN A 37 -2.57 11.89 9.18
CA GLN A 37 -3.01 11.49 7.86
C GLN A 37 -2.14 10.36 7.37
N GLN A 38 -2.75 9.26 6.94
CA GLN A 38 -2.00 8.17 6.36
C GLN A 38 -2.53 7.81 4.98
N LYS A 39 -1.71 8.07 3.96
CA LYS A 39 -2.02 7.68 2.60
C LYS A 39 -1.46 6.29 2.33
N PRO A 40 -2.16 5.50 1.51
CA PRO A 40 -1.77 4.13 1.19
C PRO A 40 -0.28 4.02 0.83
N GLU A 41 0.38 2.99 1.37
CA GLU A 41 1.80 2.75 1.10
C GLU A 41 2.70 3.79 1.77
N LYS A 42 2.13 4.67 2.58
CA LYS A 42 2.91 5.71 3.23
C LYS A 42 2.84 5.64 4.75
N ALA A 43 3.79 6.29 5.41
CA ALA A 43 3.77 6.42 6.86
C ALA A 43 2.85 7.58 7.24
N PRO A 44 2.34 7.58 8.48
CA PRO A 44 1.45 8.66 8.92
C PRO A 44 2.12 10.02 8.93
N LYS A 45 1.34 11.04 8.62
CA LYS A 45 1.80 12.42 8.63
C LYS A 45 1.02 13.18 9.69
N SER A 46 1.69 14.04 10.44
CA SER A 46 1.01 14.81 11.47
C SER A 46 0.34 16.06 10.91
N LEU A 47 -0.94 16.24 11.23
CA LEU A 47 -1.69 17.38 10.74
C LEU A 47 -1.95 18.38 11.86
N ILE A 48 -2.51 17.88 12.96
CA ILE A 48 -2.98 18.74 14.04
C ILE A 48 -2.64 18.17 15.42
N TYR A 49 -2.38 19.06 16.37
CA TYR A 49 -2.08 18.67 17.75
C TYR A 49 -2.76 19.65 18.70
N ALA A 50 -2.82 19.29 19.98
CA ALA A 50 -3.51 20.11 20.97
C ALA A 50 -4.89 20.52 20.48
N ALA A 51 -5.59 19.55 19.88
CA ALA A 51 -6.96 19.75 19.41
C ALA A 51 -7.11 20.59 18.15
N SER A 52 -6.45 21.75 18.11
CA SER A 52 -6.77 22.75 17.09
C SER A 52 -5.60 23.39 16.34
N SER A 53 -4.38 23.20 16.84
CA SER A 53 -3.22 23.87 16.23
C SER A 53 -2.70 23.12 15.00
N LEU A 54 -2.53 23.85 13.91
CA LEU A 54 -2.03 23.29 12.66
C LEU A 54 -0.53 23.06 12.73
N GLN A 55 -0.08 21.87 12.31
CA GLN A 55 1.35 21.55 12.28
C GLN A 55 2.07 22.39 11.23
N SER A 56 3.25 22.90 11.59
CA SER A 56 4.08 23.66 10.66
C SER A 56 4.22 22.88 9.35
N GLY A 57 3.60 23.39 8.29
CA GLY A 57 3.77 22.81 6.96
C GLY A 57 2.56 22.21 6.27
N VAL A 58 1.46 22.05 7.01
CA VAL A 58 0.24 21.49 6.44
C VAL A 58 -0.77 22.55 5.99
N PRO A 59 -1.39 22.34 4.82
CA PRO A 59 -2.33 23.27 4.17
C PRO A 59 -3.43 23.78 5.10
N SER A 60 -3.82 25.03 4.90
CA SER A 60 -4.80 25.68 5.77
C SER A 60 -6.18 25.05 5.70
N ARG A 61 -6.41 24.18 4.73
CA ARG A 61 -7.73 23.58 4.53
C ARG A 61 -8.05 22.55 5.62
N PHE A 62 -7.04 22.18 6.41
CA PHE A 62 -7.26 21.30 7.55
C PHE A 62 -7.46 22.11 8.83
N SER A 63 -8.40 21.66 9.65
CA SER A 63 -8.67 22.28 10.94
C SER A 63 -9.24 21.27 11.91
N GLY A 64 -9.22 21.61 13.20
CA GLY A 64 -9.69 20.70 14.21
C GLY A 64 -10.21 21.40 15.45
N SER A 65 -11.50 21.22 15.73
CA SER A 65 -12.12 21.82 16.90
C SER A 65 -12.33 20.76 17.97
N GLY A 66 -13.08 21.11 19.01
CA GLY A 66 -13.40 20.18 20.06
C GLY A 66 -12.51 20.26 21.28
N SER A 67 -13.06 19.91 22.44
CA SER A 67 -12.32 19.88 23.69
C SER A 67 -12.97 18.88 24.62
N GLY A 68 -12.29 18.54 25.72
CA GLY A 68 -12.83 17.61 26.68
C GLY A 68 -12.91 16.17 26.21
N THR A 69 -14.04 15.81 25.61
CA THR A 69 -14.29 14.41 25.29
C THR A 69 -14.73 14.18 23.83
N ASP A 70 -15.16 15.25 23.16
CA ASP A 70 -15.58 15.14 21.77
C ASP A 70 -14.76 16.08 20.89
N PHE A 71 -14.17 15.54 19.84
CA PHE A 71 -13.33 16.33 18.92
C PHE A 71 -13.71 16.07 17.47
N THR A 72 -13.46 17.05 16.60
CA THR A 72 -13.75 16.89 15.18
C THR A 72 -12.68 17.50 14.26
N LEU A 73 -12.29 16.73 13.25
CA LEU A 73 -11.34 17.20 12.24
C LEU A 73 -12.08 17.62 10.98
N THR A 74 -11.75 18.79 10.45
CA THR A 74 -12.46 19.31 9.29
C THR A 74 -11.55 19.58 8.10
N ILE A 75 -12.04 19.26 6.91
CA ILE A 75 -11.38 19.62 5.66
C ILE A 75 -12.34 20.50 4.86
N SER A 76 -11.99 21.77 4.70
CA SER A 76 -12.89 22.75 4.10
C SER A 76 -13.16 22.51 2.61
N SER A 77 -12.09 22.43 1.83
CA SER A 77 -12.23 22.19 0.39
C SER A 77 -11.52 20.90 -0.01
N LEU A 78 -12.26 19.79 0.01
CA LEU A 78 -11.68 18.48 -0.26
C LEU A 78 -10.98 18.41 -1.61
N GLN A 79 -9.77 17.88 -1.61
CA GLN A 79 -9.01 17.68 -2.83
C GLN A 79 -8.68 16.20 -3.00
N PRO A 80 -8.37 15.77 -4.23
CA PRO A 80 -8.10 14.37 -4.56
C PRO A 80 -6.95 13.78 -3.75
N GLU A 81 -5.90 14.55 -3.51
CA GLU A 81 -4.75 14.05 -2.77
C GLU A 81 -5.13 13.71 -1.33
N ASP A 82 -6.27 14.22 -0.89
CA ASP A 82 -6.74 14.00 0.47
C ASP A 82 -7.33 12.61 0.66
N PHE A 83 -7.26 11.79 -0.39
CA PHE A 83 -7.63 10.38 -0.28
C PHE A 83 -6.69 9.69 0.71
N ALA A 84 -7.23 9.28 1.85
CA ALA A 84 -6.43 8.66 2.89
C ALA A 84 -7.31 8.24 4.06
N THR A 85 -6.71 7.59 5.04
CA THR A 85 -7.40 7.26 6.28
C THR A 85 -6.79 8.05 7.43
N TYR A 86 -7.65 8.65 8.26
CA TYR A 86 -7.19 9.58 9.27
C TYR A 86 -7.35 9.03 10.69
N TYR A 87 -6.28 9.17 11.47
CA TYR A 87 -6.27 8.69 12.84
C TYR A 87 -6.15 9.85 13.82
N CYS A 88 -6.91 9.79 14.90
CA CYS A 88 -6.76 10.74 15.99
C CYS A 88 -5.95 10.06 17.10
N GLN A 89 -5.34 10.85 17.97
CA GLN A 89 -4.58 10.28 19.09
C GLN A 89 -4.68 11.10 20.36
N GLN A 90 -4.94 10.41 21.47
CA GLN A 90 -4.96 11.07 22.77
C GLN A 90 -3.61 10.94 23.44
N TYR A 91 -3.18 12.01 24.12
CA TYR A 91 -1.97 11.98 24.92
C TYR A 91 -2.13 12.72 26.25
N ASN A 92 -3.32 12.59 26.84
CA ASN A 92 -3.63 13.17 28.14
C ASN A 92 -3.23 12.25 29.28
N ILE A 93 -3.13 10.96 28.96
CA ILE A 93 -2.76 9.94 29.95
C ILE A 93 -2.12 8.74 29.25
N TYR A 94 -1.02 8.25 29.80
CA TYR A 94 -0.42 7.02 29.30
C TYR A 94 -1.35 5.84 29.57
N PRO A 95 -1.41 4.89 28.62
CA PRO A 95 -0.67 4.93 27.36
C PRO A 95 -1.38 5.81 26.34
N TYR A 96 -0.62 6.47 25.48
CA TYR A 96 -1.23 7.22 24.40
C TYR A 96 -1.93 6.25 23.45
N THR A 97 -3.05 6.69 22.87
CA THR A 97 -3.90 5.78 22.11
C THR A 97 -4.48 6.42 20.85
N PHE A 98 -4.61 5.61 19.80
CA PHE A 98 -5.22 6.08 18.56
C PHE A 98 -6.64 5.59 18.44
N GLY A 99 -7.40 6.20 17.53
CA GLY A 99 -8.68 5.66 17.12
C GLY A 99 -8.43 4.55 16.11
N GLN A 100 -9.49 4.05 15.50
CA GLN A 100 -9.33 3.00 14.49
C GLN A 100 -9.06 3.64 13.14
N GLY A 101 -9.22 4.96 13.07
CA GLY A 101 -9.06 5.68 11.82
C GLY A 101 -10.29 5.57 10.96
N THR A 102 -10.48 6.53 10.04
CA THR A 102 -11.59 6.49 9.10
C THR A 102 -11.09 6.71 7.68
N LYS A 103 -11.54 5.84 6.76
CA LYS A 103 -11.14 5.94 5.36
C LYS A 103 -11.94 7.00 4.61
N LEU A 104 -11.24 7.97 4.03
CA LEU A 104 -11.86 8.99 3.18
C LEU A 104 -11.55 8.69 1.73
N GLU A 105 -12.57 8.35 0.96
CA GLU A 105 -12.40 8.18 -0.49
C GLU A 105 -13.09 9.30 -1.25
N ILE A 106 -12.63 9.55 -2.47
CA ILE A 106 -13.13 10.67 -3.25
C ILE A 106 -14.22 10.25 -4.22
N LYS A 107 -15.31 10.99 -4.21
CA LYS A 107 -16.44 10.75 -5.11
C LYS A 107 -16.28 11.63 -6.34
N ARG A 108 -16.46 11.05 -7.52
CA ARG A 108 -16.28 11.78 -8.77
C ARG A 108 -17.22 11.32 -9.87
N THR A 109 -17.15 11.99 -11.02
CA THR A 109 -17.96 11.63 -12.17
C THR A 109 -17.56 10.26 -12.74
N VAL A 110 -18.48 9.62 -13.45
CA VAL A 110 -18.25 8.30 -14.01
C VAL A 110 -17.21 8.31 -15.12
N ALA A 111 -16.34 7.31 -15.11
CA ALA A 111 -15.34 7.14 -16.16
C ALA A 111 -15.30 5.68 -16.60
N ALA A 112 -15.40 5.44 -17.90
CA ALA A 112 -15.42 4.08 -18.41
C ALA A 112 -14.03 3.47 -18.38
N PRO A 113 -13.94 2.14 -18.27
CA PRO A 113 -12.65 1.44 -18.26
C PRO A 113 -12.06 1.33 -19.65
N SER A 114 -10.74 1.38 -19.75
CA SER A 114 -10.03 1.06 -20.98
C SER A 114 -9.50 -0.36 -20.84
N VAL A 115 -9.90 -1.24 -21.75
CA VAL A 115 -9.62 -2.67 -21.60
C VAL A 115 -8.49 -3.17 -22.49
N PHE A 116 -7.59 -3.95 -21.88
CA PHE A 116 -6.50 -4.59 -22.61
C PHE A 116 -6.42 -6.04 -22.19
N ILE A 117 -5.99 -6.90 -23.10
CA ILE A 117 -5.74 -8.30 -22.76
C ILE A 117 -4.37 -8.74 -23.24
N PHE A 118 -3.67 -9.50 -22.41
CA PHE A 118 -2.35 -10.01 -22.75
C PHE A 118 -2.37 -11.53 -22.74
N PRO A 119 -2.02 -12.16 -23.87
CA PRO A 119 -1.89 -13.61 -23.90
C PRO A 119 -0.79 -14.05 -22.93
N PRO A 120 -0.64 -15.36 -22.71
CA PRO A 120 0.48 -15.86 -21.91
C PRO A 120 1.80 -15.62 -22.65
N SER A 121 2.86 -15.32 -21.91
CA SER A 121 4.16 -15.09 -22.53
C SER A 121 4.75 -16.40 -23.03
N ASP A 122 5.56 -16.32 -24.09
CA ASP A 122 6.25 -17.49 -24.60
C ASP A 122 7.15 -18.11 -23.54
N GLU A 123 7.87 -17.25 -22.82
CA GLU A 123 8.77 -17.71 -21.77
C GLU A 123 8.03 -18.45 -20.65
N GLN A 124 6.92 -17.89 -20.19
CA GLN A 124 6.16 -18.53 -19.12
C GLN A 124 5.73 -19.93 -19.50
N LEU A 125 5.24 -20.08 -20.73
CA LEU A 125 4.73 -21.37 -21.21
C LEU A 125 5.80 -22.46 -21.12
N LYS A 126 7.06 -22.08 -21.25
CA LYS A 126 8.16 -23.04 -21.10
C LYS A 126 8.28 -23.51 -19.65
N SER A 127 7.74 -22.73 -18.72
CA SER A 127 7.79 -23.08 -17.31
C SER A 127 6.57 -23.89 -16.87
N GLY A 128 5.73 -24.27 -17.83
CA GLY A 128 4.62 -25.16 -17.58
C GLY A 128 3.33 -24.51 -17.14
N THR A 129 3.31 -23.18 -17.09
CA THR A 129 2.09 -22.45 -16.73
C THR A 129 1.76 -21.37 -17.76
N ALA A 130 0.50 -20.96 -17.78
CA ALA A 130 0.04 -19.94 -18.69
C ALA A 130 -0.94 -19.00 -17.99
N SER A 131 -0.54 -17.74 -17.85
CA SER A 131 -1.41 -16.73 -17.25
C SER A 131 -1.82 -15.70 -18.29
N VAL A 132 -3.11 -15.54 -18.48
CA VAL A 132 -3.65 -14.50 -19.35
C VAL A 132 -4.35 -13.43 -18.51
N VAL A 133 -3.83 -12.21 -18.58
CA VAL A 133 -4.35 -11.12 -17.76
C VAL A 133 -5.13 -10.07 -18.56
N CYS A 134 -6.28 -9.68 -18.03
CA CYS A 134 -7.11 -8.64 -18.63
C CYS A 134 -7.01 -7.35 -17.81
N LEU A 135 -6.72 -6.22 -18.47
CA LEU A 135 -6.51 -4.96 -17.77
C LEU A 135 -7.66 -3.97 -17.93
N LEU A 136 -8.25 -3.56 -16.80
CA LEU A 136 -9.22 -2.48 -16.78
C LEU A 136 -8.52 -1.23 -16.27
N ASN A 137 -8.37 -0.24 -17.13
CA ASN A 137 -7.58 0.93 -16.81
C ASN A 137 -8.41 2.19 -16.54
N ASN A 138 -8.18 2.79 -15.38
CA ASN A 138 -8.72 4.12 -15.07
C ASN A 138 -10.23 4.23 -15.19
N PHE A 139 -10.95 3.61 -14.26
CA PHE A 139 -12.41 3.65 -14.27
C PHE A 139 -13.02 4.12 -12.94
N TYR A 140 -14.26 4.59 -13.01
CA TYR A 140 -15.04 4.94 -11.83
C TYR A 140 -16.53 4.79 -12.15
N PRO A 141 -17.30 4.24 -11.21
CA PRO A 141 -16.87 3.78 -9.89
C PRO A 141 -16.07 2.48 -9.89
N ARG A 142 -15.90 1.91 -8.71
CA ARG A 142 -15.12 0.68 -8.51
C ARG A 142 -15.85 -0.56 -9.00
N GLU A 143 -17.18 -0.55 -8.90
CA GLU A 143 -18.00 -1.70 -9.30
C GLU A 143 -17.86 -2.02 -10.78
N ALA A 144 -17.10 -3.06 -11.08
CA ALA A 144 -16.92 -3.52 -12.45
C ALA A 144 -17.03 -5.03 -12.50
N LYS A 145 -17.53 -5.54 -13.62
CA LYS A 145 -17.68 -6.98 -13.79
C LYS A 145 -16.82 -7.52 -14.93
N VAL A 146 -15.92 -8.43 -14.59
CA VAL A 146 -15.13 -9.11 -15.61
C VAL A 146 -15.64 -10.54 -15.79
N GLN A 147 -15.75 -10.99 -17.04
CA GLN A 147 -16.13 -12.37 -17.31
C GLN A 147 -15.20 -13.01 -18.32
N TRP A 148 -14.68 -14.18 -17.96
CA TRP A 148 -13.78 -14.91 -18.85
C TRP A 148 -14.53 -15.96 -19.66
N LYS A 149 -14.34 -15.94 -20.98
CA LYS A 149 -14.82 -17.00 -21.83
C LYS A 149 -13.63 -17.66 -22.51
N VAL A 150 -13.65 -18.99 -22.57
CA VAL A 150 -12.69 -19.73 -23.38
C VAL A 150 -13.45 -20.69 -24.29
N ASP A 151 -13.15 -20.64 -25.59
CA ASP A 151 -13.95 -21.35 -26.58
C ASP A 151 -15.43 -21.06 -26.34
N ASN A 152 -15.71 -19.81 -25.98
CA ASN A 152 -17.07 -19.29 -25.82
C ASN A 152 -17.79 -19.77 -24.57
N ALA A 153 -17.15 -20.66 -23.81
CA ALA A 153 -17.75 -21.18 -22.59
C ALA A 153 -17.40 -20.31 -21.38
N LEU A 154 -18.43 -19.89 -20.65
CA LEU A 154 -18.27 -19.04 -19.49
C LEU A 154 -17.44 -19.73 -18.41
N GLN A 155 -16.66 -18.96 -17.67
CA GLN A 155 -15.78 -19.51 -16.64
C GLN A 155 -16.28 -19.21 -15.23
N SER A 156 -16.07 -20.16 -14.32
CA SER A 156 -16.48 -19.98 -12.93
C SER A 156 -15.32 -20.13 -11.95
N GLY A 157 -14.85 -18.99 -11.45
CA GLY A 157 -13.80 -18.97 -10.44
C GLY A 157 -12.48 -19.58 -10.89
N ASN A 158 -12.03 -19.21 -12.07
CA ASN A 158 -10.75 -19.67 -12.59
C ASN A 158 -9.80 -18.49 -12.72
N SER A 159 -10.22 -17.34 -12.23
CA SER A 159 -9.42 -16.13 -12.34
C SER A 159 -9.43 -15.35 -11.03
N GLN A 160 -8.25 -14.90 -10.61
CA GLN A 160 -8.16 -14.01 -9.46
C GLN A 160 -8.04 -12.56 -9.94
N GLU A 161 -8.60 -11.64 -9.15
CA GLU A 161 -8.72 -10.25 -9.56
C GLU A 161 -8.15 -9.29 -8.51
N SER A 162 -7.50 -8.23 -8.98
CA SER A 162 -6.85 -7.27 -8.07
C SER A 162 -7.08 -5.83 -8.53
N VAL A 163 -7.30 -4.94 -7.57
CA VAL A 163 -7.61 -3.54 -7.88
C VAL A 163 -6.73 -2.56 -7.09
N THR A 164 -6.42 -1.42 -7.70
CA THR A 164 -5.57 -0.41 -7.08
C THR A 164 -6.34 0.48 -6.11
N GLU A 165 -5.62 1.38 -5.45
CA GLU A 165 -6.23 2.40 -4.61
C GLU A 165 -6.61 3.57 -5.50
N GLN A 166 -7.62 4.33 -5.10
CA GLN A 166 -8.02 5.51 -5.86
C GLN A 166 -6.78 6.31 -6.21
N ASP A 167 -6.69 6.76 -7.45
CA ASP A 167 -5.54 7.52 -7.89
C ASP A 167 -5.52 8.88 -7.21
N SER A 168 -4.35 9.29 -6.73
CA SER A 168 -4.23 10.51 -5.94
C SER A 168 -4.55 11.76 -6.74
N LYS A 169 -4.65 11.63 -8.06
CA LYS A 169 -4.86 12.80 -8.92
C LYS A 169 -6.20 12.79 -9.66
N ASP A 170 -6.67 11.63 -10.08
CA ASP A 170 -7.94 11.55 -10.80
C ASP A 170 -9.00 10.69 -10.10
N SER A 171 -8.70 10.28 -8.86
CA SER A 171 -9.66 9.51 -8.07
C SER A 171 -10.16 8.28 -8.83
N THR A 172 -9.26 7.66 -9.58
CA THR A 172 -9.64 6.57 -10.47
C THR A 172 -9.10 5.20 -10.04
N TYR A 173 -9.77 4.13 -10.49
CA TYR A 173 -9.34 2.77 -10.20
C TYR A 173 -8.76 2.06 -11.43
N SER A 174 -8.06 0.98 -11.19
CA SER A 174 -7.60 0.05 -12.22
C SER A 174 -7.57 -1.35 -11.61
N LEU A 175 -8.00 -2.35 -12.36
CA LEU A 175 -7.93 -3.73 -11.84
C LEU A 175 -7.43 -4.74 -12.88
N SER A 176 -6.75 -5.76 -12.39
CA SER A 176 -6.22 -6.82 -13.23
C SER A 176 -6.92 -8.14 -12.93
N SER A 177 -7.53 -8.72 -13.96
CA SER A 177 -8.14 -10.04 -13.83
C SER A 177 -7.23 -11.08 -14.47
N THR A 178 -6.69 -12.00 -13.66
CA THR A 178 -5.74 -12.97 -14.15
C THR A 178 -6.33 -14.38 -14.20
N LEU A 179 -6.47 -14.92 -15.42
CA LEU A 179 -6.93 -16.29 -15.62
C LEU A 179 -5.72 -17.19 -15.73
N THR A 180 -5.56 -18.09 -14.76
CA THR A 180 -4.37 -18.94 -14.71
C THR A 180 -4.66 -20.41 -15.03
N LEU A 181 -3.90 -20.95 -15.98
CA LEU A 181 -4.02 -22.35 -16.35
C LEU A 181 -2.63 -23.00 -16.35
N SER A 182 -2.61 -24.30 -16.62
CA SER A 182 -1.36 -24.99 -16.91
C SER A 182 -1.17 -24.92 -18.41
N LYS A 183 0.09 -24.97 -18.86
CA LYS A 183 0.36 -25.02 -20.30
C LYS A 183 -0.48 -26.11 -20.93
N ALA A 184 -0.72 -27.17 -20.16
CA ALA A 184 -1.50 -28.31 -20.62
C ALA A 184 -2.91 -27.90 -21.00
N ASP A 185 -3.68 -27.45 -20.02
CA ASP A 185 -5.06 -27.06 -20.25
C ASP A 185 -5.15 -25.91 -21.24
N TYR A 186 -4.11 -25.08 -21.26
CA TYR A 186 -4.07 -23.92 -22.14
C TYR A 186 -4.06 -24.32 -23.60
N GLU A 187 -3.27 -25.34 -23.94
CA GLU A 187 -3.12 -25.77 -25.33
C GLU A 187 -4.43 -26.30 -25.89
N LYS A 188 -5.24 -26.91 -25.03
CA LYS A 188 -6.45 -27.60 -25.46
C LYS A 188 -7.49 -26.67 -26.11
N HIS A 189 -7.53 -25.42 -25.64
CA HIS A 189 -8.55 -24.47 -26.07
C HIS A 189 -8.00 -23.37 -26.96
N LYS A 190 -8.88 -22.75 -27.75
CA LYS A 190 -8.45 -21.79 -28.75
C LYS A 190 -8.70 -20.32 -28.39
N VAL A 191 -9.96 -19.94 -28.26
CA VAL A 191 -10.31 -18.53 -28.10
C VAL A 191 -10.39 -18.06 -26.65
N TYR A 192 -9.58 -17.05 -26.31
CA TYR A 192 -9.59 -16.49 -24.96
C TYR A 192 -10.07 -15.04 -24.99
N ALA A 193 -11.06 -14.74 -24.16
CA ALA A 193 -11.69 -13.42 -24.13
C ALA A 193 -12.17 -13.06 -22.73
N CYS A 194 -12.03 -11.79 -22.37
CA CYS A 194 -12.62 -11.27 -21.15
C CYS A 194 -13.64 -10.18 -21.50
N GLU A 195 -14.82 -10.27 -20.90
CA GLU A 195 -15.90 -9.34 -21.18
C GLU A 195 -16.11 -8.41 -20.00
N VAL A 196 -15.94 -7.11 -20.22
CA VAL A 196 -16.04 -6.13 -19.15
C VAL A 196 -17.34 -5.34 -19.20
N THR A 197 -18.09 -5.38 -18.11
CA THR A 197 -19.29 -4.57 -17.96
C THR A 197 -19.06 -3.45 -16.95
N HIS A 198 -19.51 -2.25 -17.28
CA HIS A 198 -19.33 -1.10 -16.40
C HIS A 198 -20.37 -0.01 -16.65
N GLN A 199 -20.71 0.72 -15.60
CA GLN A 199 -21.69 1.81 -15.67
C GLN A 199 -21.34 2.82 -16.76
N GLY A 200 -20.04 3.09 -16.93
CA GLY A 200 -19.58 4.02 -17.93
C GLY A 200 -19.69 3.49 -19.35
N LEU A 201 -20.06 2.22 -19.48
CA LEU A 201 -20.19 1.60 -20.78
C LEU A 201 -21.64 1.45 -21.20
N SER A 202 -21.95 1.89 -22.42
CA SER A 202 -23.29 1.76 -22.96
C SER A 202 -23.61 0.29 -23.20
N SER A 203 -22.56 -0.49 -23.44
CA SER A 203 -22.70 -1.94 -23.61
C SER A 203 -21.38 -2.64 -23.34
N PRO A 204 -21.44 -3.90 -22.86
CA PRO A 204 -20.24 -4.65 -22.48
C PRO A 204 -19.19 -4.72 -23.59
N VAL A 205 -17.99 -4.24 -23.30
CA VAL A 205 -16.86 -4.35 -24.23
C VAL A 205 -16.04 -5.59 -23.90
N THR A 206 -15.65 -6.33 -24.93
CA THR A 206 -14.90 -7.56 -24.75
C THR A 206 -13.63 -7.62 -25.61
N LYS A 207 -12.51 -7.94 -24.98
CA LYS A 207 -11.23 -8.09 -25.70
C LYS A 207 -10.84 -9.55 -25.77
N SER A 208 -10.53 -10.03 -26.98
CA SER A 208 -10.26 -11.44 -27.19
C SER A 208 -9.07 -11.68 -28.12
N PHE A 209 -8.43 -12.83 -27.96
CA PHE A 209 -7.36 -13.25 -28.85
C PHE A 209 -7.46 -14.74 -29.16
N ASN A 210 -6.92 -15.14 -30.29
CA ASN A 210 -6.84 -16.55 -30.64
C ASN A 210 -5.44 -17.10 -30.40
N ARG A 211 -5.36 -18.25 -29.74
CA ARG A 211 -4.08 -18.79 -29.28
C ARG A 211 -3.07 -19.01 -30.41
N GLY A 212 -1.82 -18.60 -30.16
CA GLY A 212 -0.73 -18.84 -31.08
C GLY A 212 -0.91 -18.22 -32.45
N GLU A 213 -1.30 -16.95 -32.48
CA GLU A 213 -1.44 -16.23 -33.74
C GLU A 213 -0.67 -14.91 -33.73
N CYS A 214 0.43 -14.88 -34.48
CA CYS A 214 1.28 -13.69 -34.55
C CYS A 214 0.61 -12.58 -35.34
N GLU B 1 14.68 18.43 6.96
CA GLU B 1 15.97 18.19 7.60
C GLU B 1 15.87 17.12 8.68
N VAL B 2 14.82 17.21 9.50
CA VAL B 2 14.53 16.16 10.46
C VAL B 2 14.23 14.86 9.72
N GLN B 3 15.01 13.82 10.00
CA GLN B 3 14.81 12.54 9.31
C GLN B 3 14.84 11.34 10.26
N LEU B 4 13.95 10.39 10.03
CA LEU B 4 13.96 9.13 10.75
C LEU B 4 14.04 7.97 9.77
N VAL B 5 15.23 7.42 9.60
CA VAL B 5 15.47 6.36 8.62
C VAL B 5 15.50 4.99 9.31
N GLN B 6 14.67 4.08 8.84
CA GLN B 6 14.54 2.76 9.45
C GLN B 6 15.20 1.67 8.63
N SER B 7 15.56 0.58 9.30
CA SER B 7 16.18 -0.57 8.64
C SER B 7 15.19 -1.27 7.71
N GLY B 8 15.71 -2.15 6.86
CA GLY B 8 14.91 -2.80 5.84
C GLY B 8 13.97 -3.88 6.34
N ALA B 9 13.03 -4.26 5.48
CA ALA B 9 12.04 -5.28 5.81
C ALA B 9 12.70 -6.58 6.26
N GLU B 10 12.19 -7.15 7.34
CA GLU B 10 12.74 -8.37 7.91
C GLU B 10 11.83 -9.58 7.68
N VAL B 11 12.44 -10.71 7.32
CA VAL B 11 11.71 -11.97 7.20
C VAL B 11 12.31 -12.99 8.16
N LYS B 12 11.51 -13.39 9.14
CA LYS B 12 11.99 -14.27 10.20
C LYS B 12 11.03 -15.42 10.50
N LYS B 13 11.59 -16.53 10.99
CA LYS B 13 10.79 -17.67 11.38
C LYS B 13 10.46 -17.58 12.86
N PRO B 14 9.28 -18.07 13.24
CA PRO B 14 8.85 -18.02 14.65
C PRO B 14 9.90 -18.63 15.58
N GLY B 15 10.13 -18.00 16.73
CA GLY B 15 11.14 -18.46 17.65
C GLY B 15 12.43 -17.68 17.52
N GLU B 16 12.64 -17.09 16.34
CA GLU B 16 13.84 -16.28 16.11
C GLU B 16 13.75 -14.95 16.84
N SER B 17 14.90 -14.31 17.04
CA SER B 17 14.94 -12.98 17.66
C SER B 17 15.10 -11.90 16.58
N LEU B 18 14.74 -10.67 16.91
CA LEU B 18 14.78 -9.59 15.93
C LEU B 18 15.11 -8.23 16.53
N LYS B 19 15.91 -7.47 15.81
CA LYS B 19 16.27 -6.11 16.22
C LYS B 19 16.23 -5.18 15.00
N ILE B 20 15.26 -4.27 14.99
CA ILE B 20 15.16 -3.28 13.93
C ILE B 20 15.55 -1.90 14.44
N SER B 21 16.05 -1.05 13.54
CA SER B 21 16.64 0.22 13.96
C SER B 21 15.99 1.46 13.34
N CYS B 22 16.27 2.62 13.95
CA CYS B 22 15.77 3.90 13.48
C CYS B 22 16.83 4.97 13.72
N LYS B 23 17.33 5.57 12.64
CA LYS B 23 18.43 6.52 12.72
C LYS B 23 17.98 7.97 12.58
N GLY B 24 18.12 8.75 13.66
CA GLY B 24 17.71 10.13 13.66
C GLY B 24 18.82 11.07 13.22
N SER B 25 18.46 12.11 12.49
CA SER B 25 19.43 13.11 12.05
C SER B 25 18.70 14.39 11.66
N GLY B 26 19.42 15.50 11.69
CA GLY B 26 18.83 16.80 11.36
C GLY B 26 18.21 17.46 12.57
N TYR B 27 18.55 16.96 13.75
CA TYR B 27 18.11 17.55 15.01
C TYR B 27 18.94 17.03 16.17
N SER B 28 18.82 17.67 17.33
CA SER B 28 19.53 17.23 18.53
C SER B 28 18.92 15.94 19.06
N PHE B 29 19.60 14.82 18.79
CA PHE B 29 19.10 13.50 19.14
C PHE B 29 18.65 13.36 20.59
N THR B 30 19.44 13.90 21.51
CA THR B 30 19.17 13.72 22.93
C THR B 30 18.00 14.55 23.44
N THR B 31 17.61 15.56 22.69
CA THR B 31 16.59 16.50 23.16
C THR B 31 15.17 15.98 22.96
N TYR B 32 15.01 14.98 22.09
CA TYR B 32 13.69 14.47 21.74
C TYR B 32 13.49 13.01 22.12
N TRP B 33 12.28 12.66 22.55
CA TRP B 33 11.93 11.29 22.86
C TRP B 33 11.54 10.55 21.58
N LEU B 34 11.80 9.25 21.56
CA LEU B 34 11.42 8.43 20.41
C LEU B 34 10.42 7.36 20.81
N GLY B 35 9.48 7.07 19.92
CA GLY B 35 8.46 6.08 20.19
C GLY B 35 8.28 5.10 19.05
N TRP B 36 7.48 4.07 19.27
CA TRP B 36 7.22 3.09 18.23
C TRP B 36 5.72 2.82 18.10
N VAL B 37 5.30 2.55 16.87
CA VAL B 37 3.90 2.24 16.59
C VAL B 37 3.85 1.04 15.64
N ARG B 38 3.13 0.01 16.04
CA ARG B 38 2.93 -1.14 15.17
C ARG B 38 1.64 -0.97 14.36
N GLN B 39 1.63 -1.51 13.15
CA GLN B 39 0.42 -1.52 12.35
C GLN B 39 0.30 -2.84 11.60
N MET B 40 -0.48 -3.76 12.16
CA MET B 40 -0.73 -5.04 11.52
C MET B 40 -1.46 -4.81 10.19
N PRO B 41 -1.16 -5.64 9.18
CA PRO B 41 -1.70 -5.52 7.82
C PRO B 41 -3.20 -5.27 7.80
N GLY B 42 -3.62 -4.16 7.19
CA GLY B 42 -5.03 -3.87 7.03
C GLY B 42 -5.69 -3.26 8.25
N LYS B 43 -5.02 -3.33 9.39
CA LYS B 43 -5.57 -2.77 10.61
C LYS B 43 -4.99 -1.41 10.97
N GLY B 44 -5.35 -0.90 12.14
CA GLY B 44 -5.01 0.46 12.53
C GLY B 44 -3.65 0.64 13.16
N LEU B 45 -3.52 1.67 13.99
CA LEU B 45 -2.25 2.01 14.60
C LEU B 45 -2.24 1.67 16.09
N ASP B 46 -1.16 1.05 16.55
CA ASP B 46 -1.02 0.67 17.95
C ASP B 46 0.21 1.30 18.59
N TRP B 47 -0.02 2.13 19.60
CA TRP B 47 1.07 2.75 20.36
C TRP B 47 1.83 1.67 21.13
N ILE B 48 3.08 1.43 20.74
CA ILE B 48 3.90 0.44 21.43
C ILE B 48 4.52 1.05 22.69
N GLY B 49 5.12 2.23 22.55
CA GLY B 49 5.70 2.91 23.69
C GLY B 49 6.55 4.11 23.29
N ILE B 50 7.27 4.65 24.26
CA ILE B 50 8.08 5.85 24.06
C ILE B 50 9.25 5.83 25.04
N MET B 51 10.38 6.38 24.62
CA MET B 51 11.58 6.32 25.46
C MET B 51 12.49 7.53 25.30
N SER B 52 13.22 7.85 26.37
CA SER B 52 14.22 8.90 26.34
C SER B 52 15.54 8.36 25.80
N PRO B 53 16.26 9.18 25.02
CA PRO B 53 17.56 8.78 24.47
C PRO B 53 18.66 8.92 25.51
N VAL B 54 18.52 9.89 26.40
CA VAL B 54 19.58 10.26 27.32
C VAL B 54 19.80 9.27 28.47
N ASP B 55 18.71 8.80 29.09
CA ASP B 55 18.83 7.90 30.23
C ASP B 55 17.93 6.67 30.14
N SER B 56 17.56 6.12 31.30
CA SER B 56 16.84 4.85 31.36
C SER B 56 15.37 4.96 30.96
N ASP B 57 14.74 6.06 31.37
CA ASP B 57 13.30 6.28 31.21
C ASP B 57 12.67 5.63 29.97
N ILE B 58 11.74 4.72 30.20
CA ILE B 58 10.96 4.09 29.13
C ILE B 58 9.49 3.96 29.56
N ARG B 59 8.60 3.98 28.57
CA ARG B 59 7.17 3.90 28.84
C ARG B 59 6.44 3.04 27.80
N TYR B 60 6.16 1.79 28.15
CA TYR B 60 5.43 0.88 27.27
C TYR B 60 3.92 0.93 27.51
N SER B 61 3.16 0.53 26.49
CA SER B 61 1.73 0.29 26.66
C SER B 61 1.56 -1.07 27.33
N PRO B 62 0.33 -1.43 27.70
CA PRO B 62 0.12 -2.70 28.41
C PRO B 62 0.42 -3.90 27.52
N SER B 63 -0.14 -3.89 26.31
CA SER B 63 -0.03 -4.99 25.37
C SER B 63 1.42 -5.34 25.05
N PHE B 64 2.30 -4.35 25.15
CA PHE B 64 3.69 -4.52 24.76
C PHE B 64 4.66 -4.61 25.93
N GLN B 65 4.18 -4.26 27.12
CA GLN B 65 5.01 -4.33 28.32
C GLN B 65 5.62 -5.72 28.46
N GLY B 66 6.94 -5.80 28.32
CA GLY B 66 7.65 -7.05 28.49
C GLY B 66 7.47 -8.00 27.32
N GLN B 67 7.03 -7.46 26.20
CA GLN B 67 6.87 -8.24 24.98
C GLN B 67 7.91 -7.81 23.96
N VAL B 68 8.29 -6.54 24.04
CA VAL B 68 9.36 -6.00 23.21
C VAL B 68 10.34 -5.21 24.07
N THR B 69 11.44 -4.79 23.47
CA THR B 69 12.45 -4.02 24.19
C THR B 69 12.94 -2.84 23.37
N MET B 70 12.74 -1.64 23.89
CA MET B 70 13.25 -0.44 23.26
C MET B 70 14.61 -0.09 23.85
N SER B 71 15.47 0.49 23.02
CA SER B 71 16.77 0.97 23.47
C SER B 71 17.30 2.01 22.51
N VAL B 72 18.48 2.55 22.83
CA VAL B 72 19.06 3.60 22.01
C VAL B 72 20.58 3.52 21.99
N ASP B 73 21.18 4.00 20.92
CA ASP B 73 22.63 4.14 20.84
C ASP B 73 22.97 5.58 20.55
N LYS B 74 23.16 6.36 21.60
CA LYS B 74 23.41 7.79 21.46
C LYS B 74 24.56 8.11 20.51
N SER B 75 25.55 7.22 20.46
CA SER B 75 26.77 7.47 19.71
C SER B 75 26.57 7.46 18.19
N ILE B 76 25.58 6.71 17.73
CA ILE B 76 25.22 6.72 16.32
C ILE B 76 23.79 7.21 16.15
N THR B 77 23.32 7.95 17.15
CA THR B 77 21.97 8.53 17.14
C THR B 77 20.92 7.61 16.54
N THR B 78 20.92 6.35 16.99
CA THR B 78 19.95 5.37 16.51
C THR B 78 19.13 4.80 17.67
N ALA B 79 17.85 4.52 17.41
CA ALA B 79 17.00 3.85 18.38
C ALA B 79 16.64 2.46 17.88
N TYR B 80 16.22 1.58 18.78
CA TYR B 80 15.95 0.20 18.40
C TYR B 80 14.64 -0.35 18.96
N LEU B 81 14.09 -1.36 18.28
CA LEU B 81 12.98 -2.13 18.80
C LEU B 81 13.35 -3.61 18.65
N GLN B 82 13.05 -4.41 19.66
CA GLN B 82 13.68 -5.73 19.78
C GLN B 82 12.80 -6.81 20.39
N TRP B 83 12.72 -7.96 19.73
CA TRP B 83 12.05 -9.14 20.27
C TRP B 83 13.05 -10.22 20.63
N ASN B 84 12.74 -11.02 21.65
CA ASN B 84 13.58 -12.15 22.01
C ASN B 84 13.11 -13.43 21.32
N SER B 85 11.81 -13.53 21.10
CA SER B 85 11.22 -14.66 20.40
C SER B 85 9.99 -14.23 19.62
N LEU B 86 10.11 -14.16 18.30
CA LEU B 86 9.02 -13.74 17.44
C LEU B 86 7.92 -14.78 17.36
N LYS B 87 6.68 -14.32 17.22
CA LYS B 87 5.56 -15.20 16.91
C LYS B 87 5.00 -14.75 15.57
N ALA B 88 4.18 -15.58 14.94
CA ALA B 88 3.61 -15.24 13.65
C ALA B 88 2.67 -14.04 13.78
N SER B 89 2.19 -13.80 14.99
CA SER B 89 1.29 -12.68 15.24
C SER B 89 2.02 -11.34 15.24
N ASP B 90 3.35 -11.39 15.27
CA ASP B 90 4.17 -10.18 15.35
C ASP B 90 4.34 -9.49 13.99
N THR B 91 4.13 -10.23 12.91
CA THR B 91 4.28 -9.66 11.58
C THR B 91 3.39 -8.42 11.43
N ALA B 92 4.01 -7.32 11.00
CA ALA B 92 3.31 -6.05 10.84
C ALA B 92 4.32 -4.99 10.48
N MET B 93 3.83 -3.81 10.11
CA MET B 93 4.70 -2.67 9.85
C MET B 93 5.01 -1.98 11.18
N TYR B 94 6.26 -1.58 11.38
CA TYR B 94 6.64 -0.92 12.61
C TYR B 94 7.27 0.44 12.36
N TYR B 95 6.61 1.49 12.84
CA TYR B 95 7.11 2.84 12.68
C TYR B 95 7.77 3.33 13.97
N CYS B 96 8.89 4.04 13.81
CA CYS B 96 9.45 4.82 14.91
C CYS B 96 9.07 6.26 14.63
N ALA B 97 8.83 7.03 15.69
CA ALA B 97 8.42 8.42 15.51
C ALA B 97 8.94 9.30 16.64
N ARG B 98 9.14 10.58 16.34
CA ARG B 98 9.67 11.52 17.32
C ARG B 98 8.56 12.23 18.07
N ARG B 99 8.70 12.32 19.39
CA ARG B 99 7.72 12.98 20.25
C ARG B 99 8.03 14.47 20.39
N ARG B 100 7.05 15.32 20.12
CA ARG B 100 7.24 16.75 20.31
C ARG B 100 7.22 17.13 21.78
N PRO B 101 8.29 17.80 22.24
CA PRO B 101 8.49 18.19 23.64
C PRO B 101 7.39 19.12 24.12
N GLY B 102 6.89 18.90 25.33
CA GLY B 102 5.80 19.69 25.86
C GLY B 102 4.46 19.22 25.35
N GLN B 103 4.51 18.16 24.55
CA GLN B 103 3.32 17.49 24.05
C GLN B 103 3.58 15.99 24.06
N GLY B 104 2.66 15.21 23.49
CA GLY B 104 2.78 13.77 23.50
C GLY B 104 2.61 13.09 22.15
N TYR B 105 2.23 13.87 21.13
CA TYR B 105 2.01 13.33 19.79
C TYR B 105 3.33 13.20 19.03
N PHE B 106 3.28 12.60 17.84
CA PHE B 106 4.50 12.35 17.09
C PHE B 106 4.77 13.39 16.00
N ASP B 107 5.87 14.14 16.19
CA ASP B 107 6.35 15.13 15.21
C ASP B 107 6.49 14.55 13.82
N PHE B 108 7.52 13.70 13.66
CA PHE B 108 7.88 13.15 12.37
C PHE B 108 7.91 11.63 12.44
N TRP B 109 7.75 10.98 11.28
CA TRP B 109 7.69 9.53 11.24
C TRP B 109 8.77 8.89 10.38
N GLY B 110 9.27 7.75 10.81
CA GLY B 110 10.13 6.93 9.97
C GLY B 110 9.27 6.35 8.86
N GLN B 111 9.91 5.79 7.83
CA GLN B 111 9.16 5.27 6.70
C GLN B 111 8.60 3.89 7.00
N GLY B 112 9.05 3.29 8.10
CA GLY B 112 8.52 2.02 8.55
C GLY B 112 9.35 0.82 8.16
N THR B 113 9.35 -0.20 9.00
CA THR B 113 10.03 -1.45 8.72
C THR B 113 9.02 -2.59 8.67
N LEU B 114 8.81 -3.16 7.50
CA LEU B 114 7.92 -4.32 7.40
C LEU B 114 8.57 -5.53 8.05
N VAL B 115 7.82 -6.18 8.94
CA VAL B 115 8.32 -7.34 9.65
C VAL B 115 7.42 -8.55 9.40
N THR B 116 7.96 -9.57 8.77
CA THR B 116 7.19 -10.77 8.44
C THR B 116 7.74 -12.01 9.13
N VAL B 117 6.95 -12.55 10.05
CA VAL B 117 7.32 -13.74 10.80
C VAL B 117 6.48 -14.91 10.31
N SER B 118 7.15 -15.91 9.72
CA SER B 118 6.44 -17.06 9.16
C SER B 118 7.34 -18.28 8.96
N SER B 119 6.72 -19.45 8.90
CA SER B 119 7.45 -20.70 8.73
C SER B 119 7.57 -21.08 7.25
N SER B 120 6.73 -20.49 6.42
CA SER B 120 6.74 -20.76 4.99
C SER B 120 8.07 -20.34 4.36
N SER B 121 8.65 -21.23 3.55
CA SER B 121 9.95 -20.99 2.94
C SER B 121 9.92 -19.80 1.99
N THR B 122 10.98 -19.01 2.01
CA THR B 122 11.12 -17.87 1.11
C THR B 122 11.34 -18.36 -0.32
N LYS B 123 10.64 -17.75 -1.26
CA LYS B 123 10.73 -18.15 -2.66
C LYS B 123 10.83 -16.93 -3.57
N GLY B 124 11.84 -16.93 -4.44
CA GLY B 124 12.07 -15.84 -5.35
C GLY B 124 11.12 -15.87 -6.54
N PRO B 125 10.63 -14.71 -6.96
CA PRO B 125 9.66 -14.61 -8.05
C PRO B 125 10.24 -14.93 -9.42
N SER B 126 9.36 -15.20 -10.38
CA SER B 126 9.75 -15.30 -11.77
C SER B 126 9.02 -14.19 -12.53
N VAL B 127 9.71 -13.55 -13.48
CA VAL B 127 9.15 -12.38 -14.14
C VAL B 127 8.96 -12.57 -15.64
N PHE B 128 7.72 -12.40 -16.09
CA PHE B 128 7.37 -12.55 -17.49
C PHE B 128 6.84 -11.24 -18.05
N PRO B 129 7.01 -11.02 -19.35
CA PRO B 129 6.64 -9.76 -20.00
C PRO B 129 5.23 -9.76 -20.57
N LEU B 130 4.48 -8.70 -20.27
CA LEU B 130 3.18 -8.47 -20.89
C LEU B 130 3.38 -7.57 -22.11
N ALA B 131 3.38 -8.17 -23.30
CA ALA B 131 3.65 -7.43 -24.53
C ALA B 131 2.39 -6.81 -25.14
N PRO B 132 2.53 -5.59 -25.68
CA PRO B 132 1.42 -4.76 -26.17
C PRO B 132 0.83 -5.23 -27.51
N SER B 133 -0.44 -4.92 -27.73
CA SER B 133 -1.12 -5.20 -28.99
C SER B 133 -0.76 -6.57 -29.56
N THR B 137 -3.35 4.23 -39.92
CA THR B 137 -2.58 2.99 -39.96
C THR B 137 -2.23 2.50 -38.56
N SER B 138 -1.47 3.31 -37.83
CA SER B 138 -1.12 2.98 -36.45
C SER B 138 -1.19 4.23 -35.57
N GLY B 139 -1.20 4.00 -34.26
CA GLY B 139 -1.25 5.10 -33.31
C GLY B 139 -2.39 4.97 -32.32
N GLY B 140 -2.17 5.47 -31.11
CA GLY B 140 -3.18 5.38 -30.07
C GLY B 140 -2.54 5.05 -28.73
N THR B 141 -3.23 4.24 -27.94
CA THR B 141 -2.74 3.86 -26.62
C THR B 141 -2.37 2.38 -26.57
N ALA B 142 -1.19 2.09 -26.04
CA ALA B 142 -0.76 0.70 -25.87
C ALA B 142 -0.51 0.41 -24.40
N ALA B 143 -0.90 -0.79 -23.96
CA ALA B 143 -0.62 -1.22 -22.60
C ALA B 143 0.39 -2.35 -22.61
N LEU B 144 1.37 -2.25 -21.72
CA LEU B 144 2.38 -3.29 -21.55
C LEU B 144 2.72 -3.41 -20.07
N GLY B 145 3.24 -4.56 -19.66
CA GLY B 145 3.56 -4.75 -18.25
C GLY B 145 4.48 -5.91 -17.93
N CYS B 146 4.50 -6.28 -16.66
CA CYS B 146 5.34 -7.37 -16.17
C CYS B 146 4.59 -8.22 -15.16
N LEU B 147 4.54 -9.53 -15.41
CA LEU B 147 3.88 -10.46 -14.50
C LEU B 147 4.92 -11.04 -13.55
N VAL B 148 4.77 -10.75 -12.26
CA VAL B 148 5.70 -11.23 -11.25
C VAL B 148 5.10 -12.39 -10.46
N LYS B 149 5.47 -13.61 -10.85
CA LYS B 149 4.81 -14.81 -10.36
C LYS B 149 5.46 -15.51 -9.20
N ASP B 150 4.63 -16.15 -8.39
CA ASP B 150 5.05 -17.14 -7.40
C ASP B 150 6.25 -16.72 -6.55
N TYR B 151 6.03 -15.80 -5.62
CA TYR B 151 7.07 -15.39 -4.69
C TYR B 151 6.54 -15.32 -3.27
N PHE B 152 7.43 -15.51 -2.30
CA PHE B 152 7.05 -15.39 -0.89
C PHE B 152 8.24 -14.96 -0.04
N PRO B 153 8.01 -14.02 0.89
CA PRO B 153 6.71 -13.38 1.06
C PRO B 153 6.65 -12.04 0.35
N GLU B 154 5.73 -11.17 0.75
CA GLU B 154 5.69 -9.81 0.25
C GLU B 154 6.75 -9.01 1.01
N PRO B 155 7.13 -7.83 0.48
CA PRO B 155 6.62 -7.31 -0.79
C PRO B 155 7.58 -7.58 -1.93
N VAL B 156 7.17 -7.21 -3.13
CA VAL B 156 8.09 -7.11 -4.26
C VAL B 156 8.05 -5.65 -4.72
N THR B 157 8.98 -5.28 -5.58
CA THR B 157 9.05 -3.90 -6.05
C THR B 157 9.19 -3.83 -7.57
N VAL B 158 8.46 -2.90 -8.18
CA VAL B 158 8.54 -2.71 -9.63
C VAL B 158 8.69 -1.24 -10.02
N SER B 159 9.84 -0.90 -10.58
CA SER B 159 10.04 0.41 -11.20
C SER B 159 10.15 0.22 -12.70
N TRP B 160 9.89 1.26 -13.47
CA TRP B 160 10.00 1.17 -14.92
C TRP B 160 11.10 2.10 -15.45
N ASN B 161 11.99 1.53 -16.26
CA ASN B 161 13.14 2.27 -16.76
C ASN B 161 13.96 2.87 -15.63
N SER B 162 14.09 2.11 -14.54
CA SER B 162 14.88 2.52 -13.39
C SER B 162 14.33 3.77 -12.72
N GLY B 163 13.02 3.96 -12.79
CA GLY B 163 12.36 5.07 -12.11
C GLY B 163 12.12 6.27 -13.00
N ALA B 164 12.64 6.22 -14.22
CA ALA B 164 12.46 7.29 -15.19
C ALA B 164 11.03 7.34 -15.68
N LEU B 165 10.38 6.18 -15.74
CA LEU B 165 8.99 6.09 -16.15
C LEU B 165 8.10 5.94 -14.92
N THR B 166 7.32 6.98 -14.62
CA THR B 166 6.53 7.02 -13.39
C THR B 166 5.03 7.10 -13.65
N SER B 167 4.59 8.17 -14.28
CA SER B 167 3.15 8.39 -14.48
C SER B 167 2.54 7.33 -15.41
N GLY B 168 1.33 6.91 -15.06
CA GLY B 168 0.62 5.92 -15.86
C GLY B 168 0.98 4.50 -15.47
N VAL B 169 1.83 4.36 -14.46
CA VAL B 169 2.24 3.05 -13.99
C VAL B 169 1.31 2.54 -12.88
N HIS B 170 0.88 1.30 -13.00
CA HIS B 170 0.05 0.66 -11.99
C HIS B 170 0.60 -0.70 -11.57
N THR B 171 1.16 -0.76 -10.36
CA THR B 171 1.50 -2.03 -9.75
C THR B 171 0.38 -2.45 -8.82
N PHE B 172 -0.31 -3.54 -9.18
CA PHE B 172 -1.48 -3.98 -8.45
C PHE B 172 -1.11 -4.70 -7.15
N PRO B 173 -2.02 -4.65 -6.16
CA PRO B 173 -1.83 -5.38 -4.91
C PRO B 173 -1.58 -6.85 -5.21
N ALA B 174 -0.62 -7.45 -4.51
CA ALA B 174 -0.33 -8.86 -4.73
C ALA B 174 -1.52 -9.74 -4.37
N VAL B 175 -1.71 -10.81 -5.13
CA VAL B 175 -2.78 -11.75 -4.84
C VAL B 175 -2.20 -13.04 -4.29
N LEU B 176 -2.77 -13.53 -3.20
CA LEU B 176 -2.32 -14.79 -2.60
C LEU B 176 -3.02 -15.98 -3.24
N GLN B 177 -2.25 -16.80 -3.94
CA GLN B 177 -2.80 -17.98 -4.63
C GLN B 177 -2.90 -19.17 -3.68
N SER B 178 -3.68 -20.17 -4.09
CA SER B 178 -3.87 -21.38 -3.29
C SER B 178 -2.54 -22.09 -3.00
N SER B 179 -1.55 -21.86 -3.85
CA SER B 179 -0.24 -22.48 -3.68
C SER B 179 0.50 -21.87 -2.48
N GLY B 180 -0.07 -20.83 -1.90
CA GLY B 180 0.54 -20.14 -0.80
C GLY B 180 1.57 -19.13 -1.27
N LEU B 181 1.78 -19.06 -2.57
CA LEU B 181 2.70 -18.08 -3.16
C LEU B 181 1.95 -16.85 -3.65
N TYR B 182 2.67 -15.73 -3.77
CA TYR B 182 2.07 -14.49 -4.20
C TYR B 182 2.33 -14.21 -5.67
N SER B 183 1.38 -13.52 -6.31
CA SER B 183 1.52 -13.09 -7.68
C SER B 183 0.91 -11.71 -7.88
N LEU B 184 1.62 -10.84 -8.58
CA LEU B 184 1.09 -9.53 -8.93
C LEU B 184 1.46 -9.15 -10.35
N SER B 185 0.90 -8.05 -10.84
CA SER B 185 1.22 -7.57 -12.16
C SER B 185 1.47 -6.06 -12.12
N SER B 186 2.44 -5.60 -12.89
CA SER B 186 2.70 -4.16 -13.01
C SER B 186 2.57 -3.76 -14.47
N VAL B 187 1.82 -2.70 -14.75
CA VAL B 187 1.57 -2.29 -16.13
C VAL B 187 1.70 -0.79 -16.31
N VAL B 188 1.93 -0.38 -17.56
CA VAL B 188 1.97 1.02 -17.92
C VAL B 188 1.20 1.22 -19.23
N THR B 189 0.62 2.39 -19.40
CA THR B 189 0.03 2.75 -20.68
C THR B 189 0.90 3.82 -21.34
N VAL B 190 1.15 3.66 -22.63
CA VAL B 190 1.98 4.58 -23.39
C VAL B 190 1.43 4.78 -24.79
N PRO B 191 1.82 5.89 -25.43
CA PRO B 191 1.46 6.08 -26.84
C PRO B 191 2.01 4.93 -27.68
N SER B 192 1.19 4.40 -28.59
CA SER B 192 1.64 3.34 -29.48
C SER B 192 2.84 3.78 -30.30
N SER B 193 2.97 5.09 -30.47
CA SER B 193 4.08 5.66 -31.24
C SER B 193 5.42 5.20 -30.70
N SER B 194 5.51 5.12 -29.37
CA SER B 194 6.77 4.80 -28.71
C SER B 194 7.17 3.33 -28.86
N LEU B 195 6.17 2.47 -29.09
CA LEU B 195 6.45 1.07 -29.34
C LEU B 195 7.43 0.94 -30.49
N GLY B 196 8.64 0.50 -30.18
CA GLY B 196 9.68 0.34 -31.19
C GLY B 196 10.75 1.41 -31.15
N THR B 197 10.39 2.61 -30.70
CA THR B 197 11.33 3.72 -30.63
C THR B 197 11.90 3.88 -29.21
N GLN B 198 11.04 4.05 -28.22
CA GLN B 198 11.45 3.96 -26.83
C GLN B 198 11.49 2.49 -26.45
N THR B 199 12.36 2.13 -25.52
CA THR B 199 12.42 0.75 -25.05
C THR B 199 12.10 0.67 -23.57
N TYR B 200 11.20 -0.25 -23.21
CA TYR B 200 10.68 -0.32 -21.85
C TYR B 200 11.20 -1.53 -21.08
N ILE B 201 11.65 -1.28 -19.86
CA ILE B 201 12.19 -2.33 -19.01
C ILE B 201 11.60 -2.18 -17.61
N CYS B 202 11.10 -3.27 -17.05
CA CYS B 202 10.61 -3.25 -15.67
C CYS B 202 11.67 -3.79 -14.73
N ASN B 203 11.80 -3.18 -13.56
CA ASN B 203 12.84 -3.54 -12.63
C ASN B 203 12.26 -4.16 -11.36
N VAL B 204 12.22 -5.49 -11.33
CA VAL B 204 11.64 -6.22 -10.20
C VAL B 204 12.66 -6.47 -9.11
N ASN B 205 12.28 -6.21 -7.86
CA ASN B 205 13.15 -6.48 -6.73
C ASN B 205 12.44 -7.08 -5.53
N HIS B 206 12.61 -8.39 -5.37
CA HIS B 206 12.11 -9.10 -4.20
C HIS B 206 13.25 -9.29 -3.21
N LYS B 207 13.41 -8.34 -2.29
CA LYS B 207 14.53 -8.33 -1.35
C LYS B 207 14.83 -9.67 -0.67
N PRO B 208 13.82 -10.27 -0.01
CA PRO B 208 14.05 -11.47 0.80
C PRO B 208 14.87 -12.56 0.10
N SER B 209 14.67 -12.74 -1.20
CA SER B 209 15.38 -13.78 -1.94
C SER B 209 16.50 -13.19 -2.80
N ASN B 210 16.94 -11.98 -2.45
CA ASN B 210 17.93 -11.26 -3.23
C ASN B 210 17.69 -11.41 -4.73
N THR B 211 16.45 -11.21 -5.14
CA THR B 211 16.09 -11.28 -6.55
C THR B 211 16.05 -9.89 -7.16
N LYS B 212 16.88 -9.67 -8.16
CA LYS B 212 16.91 -8.38 -8.86
C LYS B 212 16.88 -8.63 -10.37
N VAL B 213 15.71 -8.46 -10.97
CA VAL B 213 15.51 -8.81 -12.37
C VAL B 213 15.10 -7.61 -13.22
N ASP B 214 15.83 -7.40 -14.31
CA ASP B 214 15.49 -6.38 -15.30
C ASP B 214 14.98 -7.06 -16.56
N LYS B 215 13.67 -6.95 -16.81
CA LYS B 215 13.06 -7.63 -17.93
C LYS B 215 12.65 -6.64 -19.02
N ARG B 216 13.10 -6.88 -20.24
CA ARG B 216 12.84 -5.97 -21.35
C ARG B 216 11.55 -6.35 -22.08
N VAL B 217 10.57 -5.45 -22.06
CA VAL B 217 9.26 -5.72 -22.65
C VAL B 217 9.14 -5.08 -24.03
N GLU B 218 9.25 -5.91 -25.07
CA GLU B 218 9.17 -5.43 -26.45
C GLU B 218 7.99 -6.05 -27.19
N PRO B 219 7.41 -5.30 -28.14
CA PRO B 219 6.25 -5.72 -28.93
C PRO B 219 6.44 -7.10 -29.57
N LYS B 220 5.35 -7.71 -30.03
CA LYS B 220 5.37 -9.11 -30.44
C LYS B 220 5.78 -9.34 -31.90
N SER B 221 5.90 -10.62 -32.25
CA SER B 221 6.32 -11.04 -33.58
C SER B 221 7.79 -10.74 -33.83
#